data_8KCA
#
_entry.id   8KCA
#
_cell.length_a   41.866
_cell.length_b   106.494
_cell.length_c   41.943
_cell.angle_alpha   90.000
_cell.angle_beta   98.610
_cell.angle_gamma   90.000
#
_symmetry.space_group_name_H-M   'P 1 21 1'
#
loop_
_entity.id
_entity.type
_entity.pdbx_description
1 polymer 'Probable ATP-dependent RNA helicase DDX53'
2 water water
#
_entity_poly.entity_id   1
_entity_poly.type   'polypeptide(L)'
_entity_poly.pdbx_seq_one_letter_code
;TVKQNIIVTTEKEKRALTQEFVENMSPNDKVIMFVSQKHIADDLSSDFNIQGISAESLHGNSEQSDQERAVEDFKSGNIK
ILITTDIVSRGLDLNDVTHVYNYDFPRNIDVYVHRVGYIGRTGKTGTSVTLITQRDSKMAGELIKILDRANQSVPEDLVV
MAEQYKLNQQKRHRETRSRKPGQRRKEFYFLS
;
_entity_poly.pdbx_strand_id   A,B
#
# COMPACT_ATOMS: atom_id res chain seq x y z
N THR A 1 6.73 10.92 -25.28
CA THR A 1 5.59 10.01 -25.31
C THR A 1 6.03 8.58 -24.96
N VAL A 2 5.12 7.78 -24.40
CA VAL A 2 5.49 6.53 -23.76
C VAL A 2 4.80 5.41 -24.51
N LYS A 3 5.57 4.43 -24.99
CA LYS A 3 5.01 3.28 -25.68
C LYS A 3 4.41 2.31 -24.65
N GLN A 4 3.17 1.92 -24.87
CA GLN A 4 2.45 1.04 -23.94
C GLN A 4 2.24 -0.32 -24.61
N ASN A 5 2.80 -1.36 -24.02
CA ASN A 5 2.65 -2.74 -24.48
C ASN A 5 1.88 -3.53 -23.44
N ILE A 6 0.85 -4.25 -23.88
CA ILE A 6 0.06 -5.12 -23.02
C ILE A 6 0.26 -6.55 -23.50
N ILE A 7 0.65 -7.44 -22.59
CA ILE A 7 0.82 -8.85 -22.92
C ILE A 7 -0.22 -9.64 -22.12
N VAL A 8 -1.17 -10.26 -22.84
CA VAL A 8 -2.13 -11.16 -22.21
C VAL A 8 -1.48 -12.51 -21.97
N THR A 9 -1.60 -13.03 -20.75
CA THR A 9 -0.89 -14.25 -20.39
C THR A 9 -1.63 -14.96 -19.28
N THR A 10 -1.06 -16.04 -18.76
CA THR A 10 -1.57 -16.74 -17.60
C THR A 10 -0.56 -16.61 -16.47
N GLU A 11 -1.01 -16.97 -15.27
CA GLU A 11 -0.16 -16.88 -14.08
C GLU A 11 1.03 -17.84 -14.15
N LYS A 12 0.88 -18.99 -14.82
CA LYS A 12 2.00 -19.92 -14.91
C LYS A 12 3.02 -19.51 -15.97
N GLU A 13 2.65 -18.66 -16.92
CA GLU A 13 3.57 -18.22 -17.95
C GLU A 13 4.32 -16.93 -17.61
N LYS A 14 3.98 -16.28 -16.48
CA LYS A 14 4.54 -14.96 -16.16
C LYS A 14 6.05 -15.00 -15.98
N ARG A 15 6.55 -16.05 -15.31
N ARG A 15 6.55 -16.03 -15.29
CA ARG A 15 7.97 -16.15 -15.00
CA ARG A 15 7.98 -16.12 -14.99
C ARG A 15 8.81 -16.28 -16.26
C ARG A 15 8.81 -16.28 -16.26
N ALA A 16 8.34 -17.12 -17.19
CA ALA A 16 9.07 -17.35 -18.44
C ALA A 16 9.08 -16.12 -19.34
N LEU A 17 7.93 -15.46 -19.49
CA LEU A 17 7.87 -14.20 -20.23
C LEU A 17 8.76 -13.13 -19.61
N THR A 18 8.78 -13.04 -18.28
CA THR A 18 9.60 -12.00 -17.66
C THR A 18 11.08 -12.30 -17.82
N GLN A 19 11.44 -13.59 -17.74
CA GLN A 19 12.76 -14.08 -18.13
C GLN A 19 13.16 -13.64 -19.52
N GLU A 20 12.26 -13.83 -20.48
CA GLU A 20 12.53 -13.41 -21.86
C GLU A 20 12.71 -11.90 -21.96
N PHE A 21 11.88 -11.13 -21.25
CA PHE A 21 12.04 -9.67 -21.25
C PHE A 21 13.41 -9.26 -20.73
N VAL A 22 13.84 -9.83 -19.60
CA VAL A 22 15.05 -9.30 -18.99
C VAL A 22 16.26 -9.75 -19.79
N GLU A 23 16.18 -10.93 -20.44
CA GLU A 23 17.27 -11.38 -21.30
C GLU A 23 17.43 -10.53 -22.56
N ASN A 24 16.37 -9.87 -23.00
CA ASN A 24 16.40 -9.01 -24.18
C ASN A 24 16.73 -7.55 -23.87
N MET A 25 17.01 -7.22 -22.61
CA MET A 25 17.34 -5.84 -22.26
C MET A 25 18.65 -5.40 -22.90
N SER A 26 18.66 -4.16 -23.37
CA SER A 26 19.88 -3.48 -23.78
C SER A 26 20.71 -3.15 -22.54
N PRO A 27 22.03 -2.96 -22.68
CA PRO A 27 22.84 -2.56 -21.51
C PRO A 27 22.48 -1.18 -20.96
N ASN A 28 21.75 -0.38 -21.73
CA ASN A 28 21.33 0.96 -21.35
C ASN A 28 19.98 0.99 -20.66
N ASP A 29 19.24 -0.11 -20.70
CA ASP A 29 17.89 -0.12 -20.15
C ASP A 29 17.96 -0.12 -18.63
N LYS A 30 17.05 0.61 -17.99
CA LYS A 30 16.91 0.56 -16.53
C LYS A 30 15.42 0.45 -16.25
N VAL A 31 15.04 -0.56 -15.47
CA VAL A 31 13.66 -1.02 -15.36
C VAL A 31 13.17 -0.85 -13.94
N ILE A 32 12.01 -0.22 -13.77
CA ILE A 32 11.31 -0.35 -12.50
C ILE A 32 10.20 -1.38 -12.69
N MET A 33 10.25 -2.46 -11.91
CA MET A 33 9.38 -3.60 -12.06
C MET A 33 8.45 -3.70 -10.86
N PHE A 34 7.15 -3.80 -11.11
CA PHE A 34 6.11 -3.76 -10.09
C PHE A 34 5.55 -5.16 -9.87
N VAL A 35 5.61 -5.62 -8.62
CA VAL A 35 5.21 -6.96 -8.21
C VAL A 35 4.36 -6.80 -6.95
N SER A 36 3.24 -7.52 -6.89
CA SER A 36 2.30 -7.31 -5.79
C SER A 36 2.74 -7.95 -4.46
N GLN A 37 3.54 -9.01 -4.49
N GLN A 37 3.54 -9.03 -4.49
CA GLN A 37 3.91 -9.74 -3.27
CA GLN A 37 3.91 -9.74 -3.27
C GLN A 37 5.41 -9.70 -3.06
C GLN A 37 5.42 -9.68 -3.06
N LYS A 38 5.81 -9.49 -1.80
CA LYS A 38 7.22 -9.32 -1.46
C LYS A 38 8.04 -10.58 -1.73
N HIS A 39 7.49 -11.77 -1.43
CA HIS A 39 8.29 -12.98 -1.60
C HIS A 39 8.50 -13.30 -3.08
N ILE A 40 7.54 -12.95 -3.93
CA ILE A 40 7.73 -13.07 -5.39
C ILE A 40 8.80 -12.08 -5.86
N ALA A 41 8.77 -10.85 -5.35
CA ALA A 41 9.79 -9.85 -5.69
C ALA A 41 11.19 -10.32 -5.29
N ASP A 42 11.31 -10.94 -4.11
CA ASP A 42 12.59 -11.47 -3.66
C ASP A 42 13.06 -12.61 -4.56
N ASP A 43 12.13 -13.49 -4.94
CA ASP A 43 12.44 -14.62 -5.81
C ASP A 43 12.95 -14.13 -7.17
N LEU A 44 12.26 -13.12 -7.73
CA LEU A 44 12.66 -12.54 -9.01
C LEU A 44 14.03 -11.88 -8.92
N SER A 45 14.28 -11.11 -7.85
CA SER A 45 15.57 -10.45 -7.68
C SER A 45 16.73 -11.44 -7.62
N SER A 46 16.56 -12.51 -6.85
CA SER A 46 17.65 -13.47 -6.75
C SER A 46 17.85 -14.24 -8.05
N ASP A 47 16.76 -14.58 -8.78
CA ASP A 47 16.87 -15.13 -10.14
C ASP A 47 17.70 -14.23 -11.06
N PHE A 48 17.34 -12.93 -11.12
CA PHE A 48 18.01 -11.99 -12.02
C PHE A 48 19.48 -11.82 -11.65
N ASN A 49 19.78 -11.72 -10.36
CA ASN A 49 21.15 -11.50 -9.92
C ASN A 49 22.02 -12.73 -10.19
N ILE A 50 21.47 -13.94 -9.98
CA ILE A 50 22.21 -15.17 -10.30
C ILE A 50 22.58 -15.22 -11.78
N GLN A 51 21.66 -14.81 -12.66
CA GLN A 51 22.00 -14.72 -14.10
C GLN A 51 22.92 -13.57 -14.46
N GLY A 52 23.16 -12.61 -13.58
CA GLY A 52 23.98 -11.47 -13.94
C GLY A 52 23.24 -10.25 -14.43
N ILE A 53 21.92 -10.20 -14.26
CA ILE A 53 21.15 -8.99 -14.52
C ILE A 53 20.94 -8.35 -13.15
N SER A 54 21.69 -7.28 -12.85
CA SER A 54 21.78 -6.75 -11.49
C SER A 54 20.46 -6.11 -11.03
N ALA A 55 20.01 -6.50 -9.84
CA ALA A 55 18.67 -6.14 -9.41
C ALA A 55 18.57 -6.08 -7.89
N GLU A 56 17.60 -5.30 -7.41
CA GLU A 56 17.28 -5.22 -5.99
C GLU A 56 15.76 -5.12 -5.81
N SER A 57 15.25 -5.66 -4.68
CA SER A 57 13.83 -5.59 -4.34
C SER A 57 13.61 -4.70 -3.11
N LEU A 58 12.55 -3.89 -3.17
CA LEU A 58 12.15 -2.99 -2.09
C LEU A 58 10.66 -3.15 -1.81
N HIS A 59 10.28 -2.93 -0.56
CA HIS A 59 8.88 -3.00 -0.14
C HIS A 59 8.62 -1.94 0.93
N GLY A 60 7.40 -1.89 1.45
CA GLY A 60 6.99 -0.83 2.36
C GLY A 60 7.75 -0.81 3.68
N ASN A 61 8.29 -1.94 4.11
CA ASN A 61 9.08 -2.02 5.33
C ASN A 61 10.59 -2.00 5.08
N SER A 62 11.02 -1.74 3.85
CA SER A 62 12.44 -1.56 3.58
C SER A 62 12.97 -0.34 4.33
N GLU A 63 14.11 -0.53 5.00
CA GLU A 63 14.77 0.53 5.76
C GLU A 63 15.13 1.68 4.84
N GLN A 64 15.22 2.89 5.42
CA GLN A 64 15.52 4.06 4.61
C GLN A 64 16.93 3.97 4.03
N SER A 65 17.85 3.34 4.78
CA SER A 65 19.20 3.11 4.29
C SER A 65 19.20 2.16 3.09
N ASP A 66 18.45 1.06 3.18
CA ASP A 66 18.35 0.10 2.06
C ASP A 66 17.77 0.75 0.81
N GLN A 67 16.73 1.57 1.00
CA GLN A 67 16.11 2.27 -0.13
C GLN A 67 17.08 3.27 -0.76
N GLU A 68 17.87 3.95 0.06
CA GLU A 68 18.73 4.98 -0.52
C GLU A 68 19.92 4.36 -1.24
N ARG A 69 20.46 3.23 -0.71
CA ARG A 69 21.45 2.46 -1.47
C ARG A 69 20.88 1.92 -2.79
N ALA A 70 19.64 1.43 -2.79
CA ALA A 70 19.03 0.95 -4.04
C ALA A 70 18.86 2.08 -5.05
N VAL A 71 18.43 3.26 -4.58
CA VAL A 71 18.27 4.41 -5.46
C VAL A 71 19.62 4.86 -6.05
N GLU A 72 20.68 4.91 -5.22
CA GLU A 72 22.01 5.27 -5.71
C GLU A 72 22.53 4.25 -6.72
N ASP A 73 22.32 2.96 -6.43
CA ASP A 73 22.72 1.90 -7.35
C ASP A 73 21.97 1.99 -8.67
N PHE A 74 20.71 2.37 -8.62
CA PHE A 74 19.93 2.52 -9.84
C PHE A 74 20.45 3.69 -10.68
N LYS A 75 20.77 4.81 -10.03
CA LYS A 75 21.38 5.94 -10.73
C LYS A 75 22.73 5.57 -11.34
N SER A 76 23.60 4.94 -10.56
CA SER A 76 24.96 4.67 -11.03
C SER A 76 25.02 3.53 -12.05
N GLY A 77 23.97 2.73 -12.14
CA GLY A 77 24.02 1.56 -12.98
C GLY A 77 24.51 0.30 -12.30
N ASN A 78 24.73 0.32 -10.98
CA ASN A 78 25.08 -0.91 -10.27
C ASN A 78 23.93 -1.88 -10.16
N ILE A 79 22.69 -1.42 -10.28
CA ILE A 79 21.58 -2.31 -10.62
C ILE A 79 20.91 -1.79 -11.89
N LYS A 80 20.31 -2.71 -12.63
CA LYS A 80 19.52 -2.37 -13.80
C LYS A 80 18.02 -2.54 -13.57
N ILE A 81 17.63 -3.34 -12.59
CA ILE A 81 16.22 -3.59 -12.30
C ILE A 81 15.98 -3.30 -10.83
N LEU A 82 15.02 -2.43 -10.56
CA LEU A 82 14.54 -2.18 -9.21
C LEU A 82 13.13 -2.76 -9.14
N ILE A 83 12.95 -3.78 -8.32
CA ILE A 83 11.68 -4.46 -8.16
C ILE A 83 11.02 -3.93 -6.90
N THR A 84 9.81 -3.38 -7.03
CA THR A 84 9.19 -2.69 -5.91
C THR A 84 7.79 -3.23 -5.66
N THR A 85 7.43 -3.21 -4.39
CA THR A 85 6.14 -3.64 -3.89
C THR A 85 5.61 -2.50 -3.02
N ASP A 86 4.41 -2.04 -3.37
CA ASP A 86 3.49 -1.10 -2.72
CA ASP A 86 3.55 -1.11 -2.62
C ASP A 86 4.05 0.33 -2.58
N ILE A 87 5.34 0.55 -2.88
CA ILE A 87 5.94 1.88 -2.82
C ILE A 87 6.82 2.09 -4.04
N VAL A 88 7.03 3.36 -4.39
CA VAL A 88 8.18 3.76 -5.19
C VAL A 88 8.98 4.72 -4.32
N SER A 89 10.27 4.41 -4.14
CA SER A 89 11.11 5.18 -3.24
C SER A 89 11.23 6.62 -3.69
N ARG A 90 11.18 7.54 -2.73
CA ARG A 90 11.01 8.95 -3.05
C ARG A 90 12.24 9.55 -3.73
N GLY A 91 13.43 9.11 -3.36
CA GLY A 91 14.64 9.66 -3.94
C GLY A 91 15.00 9.17 -5.34
N LEU A 92 14.16 8.32 -5.93
CA LEU A 92 14.44 7.77 -7.25
C LEU A 92 14.39 8.84 -8.33
N ASP A 93 15.47 9.00 -9.08
CA ASP A 93 15.50 9.96 -10.19
C ASP A 93 14.88 9.26 -11.40
N LEU A 94 13.69 9.73 -11.80
CA LEU A 94 12.92 9.10 -12.87
C LEU A 94 13.55 9.28 -14.24
N ASN A 95 14.49 10.24 -14.39
CA ASN A 95 15.21 10.44 -15.63
C ASN A 95 16.02 9.21 -16.04
N ASP A 96 16.43 8.39 -15.07
CA ASP A 96 17.18 7.17 -15.38
C ASP A 96 16.30 6.03 -15.85
N VAL A 97 14.98 6.11 -15.69
CA VAL A 97 14.10 4.97 -15.96
C VAL A 97 13.76 4.93 -17.45
N THR A 98 14.06 3.81 -18.11
CA THR A 98 13.66 3.63 -19.49
C THR A 98 12.41 2.77 -19.65
N HIS A 99 12.11 1.92 -18.66
CA HIS A 99 10.99 1.00 -18.73
C HIS A 99 10.27 0.91 -17.39
N VAL A 100 8.95 0.85 -17.48
CA VAL A 100 8.11 0.36 -16.38
C VAL A 100 7.60 -1.02 -16.79
N TYR A 101 7.70 -1.99 -15.88
CA TYR A 101 7.27 -3.36 -16.13
C TYR A 101 6.31 -3.79 -15.03
N ASN A 102 5.05 -3.99 -15.37
CA ASN A 102 4.04 -4.45 -14.42
C ASN A 102 3.97 -5.96 -14.49
N TYR A 103 4.72 -6.63 -13.61
CA TYR A 103 4.67 -8.09 -13.54
C TYR A 103 3.28 -8.53 -13.09
N ASP A 104 2.70 -7.84 -12.13
CA ASP A 104 1.31 -8.01 -11.76
C ASP A 104 0.55 -6.77 -12.21
N PHE A 105 -0.62 -6.98 -12.81
CA PHE A 105 -1.48 -5.85 -13.16
C PHE A 105 -1.86 -5.08 -11.90
N PRO A 106 -1.78 -3.74 -11.92
CA PRO A 106 -2.06 -2.95 -10.71
C PRO A 106 -3.52 -3.06 -10.28
N ARG A 107 -3.83 -2.55 -9.08
CA ARG A 107 -5.14 -2.89 -8.53
C ARG A 107 -6.27 -2.12 -9.18
N ASN A 108 -5.97 -1.04 -9.91
CA ASN A 108 -6.98 -0.35 -10.72
C ASN A 108 -6.30 0.44 -11.83
N ILE A 109 -7.15 1.03 -12.68
CA ILE A 109 -6.71 1.69 -13.90
C ILE A 109 -5.97 2.98 -13.60
N ASP A 110 -6.39 3.69 -12.55
CA ASP A 110 -5.74 4.94 -12.14
C ASP A 110 -4.30 4.70 -11.70
N VAL A 111 -4.04 3.57 -11.04
CA VAL A 111 -2.66 3.21 -10.70
C VAL A 111 -1.85 2.92 -11.97
N TYR A 112 -2.47 2.24 -12.95
CA TYR A 112 -1.82 1.98 -14.24
C TYR A 112 -1.40 3.27 -14.94
N VAL A 113 -2.32 4.22 -15.04
CA VAL A 113 -2.07 5.51 -15.69
C VAL A 113 -0.98 6.28 -14.96
N HIS A 114 -1.02 6.26 -13.63
CA HIS A 114 0.05 6.88 -12.82
C HIS A 114 1.42 6.27 -13.11
N ARG A 115 1.48 4.94 -13.28
CA ARG A 115 2.77 4.30 -13.58
C ARG A 115 3.28 4.67 -14.97
N VAL A 116 2.38 4.79 -15.97
CA VAL A 116 2.79 5.32 -17.28
C VAL A 116 3.33 6.76 -17.14
N GLY A 117 2.71 7.52 -16.24
CA GLY A 117 3.19 8.86 -15.94
C GLY A 117 4.58 8.94 -15.36
N TYR A 118 5.05 7.86 -14.71
CA TYR A 118 6.43 7.85 -14.17
C TYR A 118 7.48 8.15 -15.24
N ILE A 119 7.28 7.63 -16.45
CA ILE A 119 8.18 7.99 -17.55
C ILE A 119 7.72 9.25 -18.26
N GLY A 120 6.40 9.41 -18.45
CA GLY A 120 5.90 10.61 -19.14
C GLY A 120 6.20 11.95 -18.46
N ARG A 121 6.42 11.94 -17.14
CA ARG A 121 6.66 13.17 -16.39
C ARG A 121 8.00 13.82 -16.73
N THR A 122 8.99 13.02 -17.11
CA THR A 122 10.30 13.55 -17.42
C THR A 122 10.39 14.14 -18.82
N GLY A 123 9.40 13.91 -19.68
CA GLY A 123 9.46 14.41 -21.04
C GLY A 123 10.32 13.58 -21.98
N LYS A 124 10.90 12.48 -21.49
CA LYS A 124 11.67 11.55 -22.29
C LYS A 124 10.79 10.39 -22.73
N THR A 125 11.17 9.77 -23.85
CA THR A 125 10.45 8.60 -24.29
C THR A 125 10.85 7.39 -23.45
N GLY A 126 9.99 6.39 -23.47
CA GLY A 126 10.21 5.19 -22.69
C GLY A 126 9.08 4.23 -22.96
N THR A 127 9.10 3.11 -22.25
CA THR A 127 8.20 2.02 -22.53
C THR A 127 7.58 1.50 -21.24
N SER A 128 6.26 1.30 -21.25
CA SER A 128 5.54 0.53 -20.26
C SER A 128 5.15 -0.83 -20.84
N VAL A 129 5.48 -1.89 -20.10
CA VAL A 129 5.14 -3.27 -20.45
C VAL A 129 4.28 -3.82 -19.32
N THR A 130 3.12 -4.39 -19.64
CA THR A 130 2.21 -4.86 -18.61
C THR A 130 1.71 -6.27 -18.89
N LEU A 131 1.79 -7.16 -17.88
CA LEU A 131 1.21 -8.49 -17.98
C LEU A 131 -0.19 -8.48 -17.39
N ILE A 132 -1.15 -9.07 -18.12
CA ILE A 132 -2.52 -9.14 -17.66
C ILE A 132 -3.01 -10.56 -17.85
N THR A 133 -3.78 -11.06 -16.88
CA THR A 133 -4.34 -12.41 -16.89
C THR A 133 -5.86 -12.30 -16.68
N GLN A 134 -6.53 -13.47 -16.68
CA GLN A 134 -7.99 -13.51 -16.63
C GLN A 134 -8.55 -12.93 -15.34
N ARG A 135 -7.76 -12.95 -14.26
CA ARG A 135 -8.17 -12.44 -12.95
C ARG A 135 -8.41 -10.93 -13.01
N ASP A 136 -7.81 -10.26 -13.97
CA ASP A 136 -7.97 -8.83 -14.18
C ASP A 136 -8.76 -8.51 -15.44
N SER A 137 -9.53 -9.49 -15.95
CA SER A 137 -10.29 -9.27 -17.19
C SER A 137 -11.33 -8.16 -17.06
N LYS A 138 -11.80 -7.85 -15.83
CA LYS A 138 -12.72 -6.72 -15.65
C LYS A 138 -12.09 -5.36 -15.98
N MET A 139 -10.76 -5.28 -16.08
CA MET A 139 -10.04 -4.07 -16.47
C MET A 139 -9.84 -3.92 -17.97
N ALA A 140 -10.07 -5.00 -18.74
CA ALA A 140 -9.60 -5.07 -20.11
C ALA A 140 -10.21 -3.97 -20.98
N GLY A 141 -11.52 -3.76 -20.85
CA GLY A 141 -12.20 -2.72 -21.60
C GLY A 141 -11.68 -1.34 -21.28
N GLU A 142 -11.48 -1.05 -19.97
CA GLU A 142 -10.96 0.26 -19.58
C GLU A 142 -9.55 0.47 -20.10
N LEU A 143 -8.78 -0.63 -20.16
CA LEU A 143 -7.41 -0.53 -20.63
C LEU A 143 -7.37 -0.21 -22.12
N ILE A 144 -8.32 -0.79 -22.88
CA ILE A 144 -8.40 -0.52 -24.31
C ILE A 144 -8.68 0.96 -24.55
N LYS A 145 -9.54 1.55 -23.69
CA LYS A 145 -9.84 2.98 -23.83
C LYS A 145 -8.60 3.81 -23.58
N ILE A 146 -7.78 3.40 -22.58
CA ILE A 146 -6.54 4.11 -22.30
C ILE A 146 -5.62 4.04 -23.50
N LEU A 147 -5.51 2.84 -24.10
CA LEU A 147 -4.66 2.70 -25.26
C LEU A 147 -5.18 3.52 -26.43
N ASP A 148 -6.51 3.61 -26.59
CA ASP A 148 -7.00 4.35 -27.74
C ASP A 148 -6.80 5.85 -27.53
N ARG A 149 -6.86 6.28 -26.26
CA ARG A 149 -6.71 7.71 -25.96
C ARG A 149 -5.27 8.17 -26.17
N ALA A 150 -4.31 7.29 -25.90
CA ALA A 150 -2.88 7.55 -26.03
C ALA A 150 -2.35 7.24 -27.42
N ASN A 151 -3.22 6.89 -28.37
CA ASN A 151 -2.86 6.50 -29.74
C ASN A 151 -1.85 5.35 -29.74
N GLN A 152 -2.14 4.32 -28.95
CA GLN A 152 -1.29 3.15 -28.83
C GLN A 152 -1.95 1.95 -29.51
N SER A 153 -1.13 1.03 -30.01
CA SER A 153 -1.65 -0.17 -30.65
C SER A 153 -2.42 -1.03 -29.65
N VAL A 154 -3.47 -1.68 -30.13
CA VAL A 154 -4.33 -2.51 -29.28
C VAL A 154 -4.11 -3.97 -29.67
N PRO A 155 -3.62 -4.81 -28.76
CA PRO A 155 -3.37 -6.21 -29.11
C PRO A 155 -4.67 -6.97 -29.21
N GLU A 156 -4.71 -7.94 -30.16
CA GLU A 156 -5.91 -8.74 -30.38
C GLU A 156 -6.34 -9.50 -29.12
N ASP A 157 -5.36 -10.04 -28.38
CA ASP A 157 -5.67 -10.85 -27.18
C ASP A 157 -6.35 -10.01 -26.11
N LEU A 158 -6.05 -8.71 -26.05
CA LEU A 158 -6.72 -7.82 -25.10
C LEU A 158 -8.19 -7.59 -25.50
N VAL A 159 -8.46 -7.43 -26.81
CA VAL A 159 -9.83 -7.33 -27.30
C VAL A 159 -10.61 -8.61 -26.99
N VAL A 160 -9.97 -9.78 -27.22
CA VAL A 160 -10.61 -11.07 -26.93
C VAL A 160 -10.97 -11.18 -25.45
N MET A 161 -10.04 -10.79 -24.57
CA MET A 161 -10.30 -10.75 -23.13
C MET A 161 -11.49 -9.87 -22.77
N ALA A 162 -11.55 -8.65 -23.33
CA ALA A 162 -12.64 -7.73 -22.98
C ALA A 162 -13.99 -8.26 -23.50
N GLU A 163 -14.00 -8.87 -24.70
CA GLU A 163 -15.23 -9.47 -25.21
C GLU A 163 -15.70 -10.63 -24.35
N GLN A 164 -14.76 -11.49 -23.94
CA GLN A 164 -15.08 -12.65 -23.10
C GLN A 164 -15.65 -12.22 -21.76
N TYR A 165 -15.05 -11.18 -21.17
CA TYR A 165 -15.53 -10.64 -19.90
C TYR A 165 -16.96 -10.13 -20.02
N LYS A 166 -17.21 -9.32 -21.06
CA LYS A 166 -18.55 -8.77 -21.29
C LYS A 166 -19.60 -9.85 -21.50
N LEU A 167 -19.28 -10.90 -22.27
CA LEU A 167 -20.23 -12.00 -22.49
C LEU A 167 -20.54 -12.76 -21.21
N ASN A 168 -19.49 -13.09 -20.43
CA ASN A 168 -19.67 -13.76 -19.15
C ASN A 168 -20.47 -12.91 -18.15
N GLN A 169 -20.31 -11.59 -18.20
CA GLN A 169 -21.09 -10.73 -17.31
C GLN A 169 -22.54 -10.62 -17.76
N GLN A 170 -22.79 -10.59 -19.07
CA GLN A 170 -24.16 -10.50 -19.56
C GLN A 170 -24.96 -11.74 -19.23
N LYS A 171 -24.29 -12.91 -19.19
CA LYS A 171 -24.99 -14.11 -18.73
C LYS A 171 -25.33 -14.09 -17.23
N ARG A 172 -24.72 -13.20 -16.45
CA ARG A 172 -25.02 -13.08 -15.04
C ARG A 172 -25.90 -11.89 -14.68
N HIS A 173 -26.24 -11.03 -15.65
CA HIS A 173 -26.97 -9.75 -15.44
C HIS A 173 -26.51 -8.89 -14.26
N THR B 1 12.49 6.62 16.45
CA THR B 1 11.17 7.19 16.23
C THR B 1 10.14 6.10 15.86
N VAL B 2 9.07 6.50 15.18
CA VAL B 2 7.89 5.66 15.01
C VAL B 2 7.72 5.32 13.53
N LYS B 3 7.58 4.02 13.24
CA LYS B 3 7.30 3.55 11.87
C LYS B 3 5.82 3.72 11.54
N GLN B 4 5.51 4.45 10.47
CA GLN B 4 4.12 4.74 10.11
C GLN B 4 3.71 3.94 8.88
N ASN B 5 2.66 3.11 9.02
CA ASN B 5 2.19 2.22 7.97
C ASN B 5 0.78 2.61 7.56
N ILE B 6 0.59 2.83 6.27
CA ILE B 6 -0.70 3.24 5.72
C ILE B 6 -1.16 2.15 4.78
N ILE B 7 -2.37 1.64 5.00
CA ILE B 7 -2.97 0.62 4.16
C ILE B 7 -4.19 1.24 3.50
N VAL B 8 -4.13 1.44 2.18
CA VAL B 8 -5.29 1.90 1.44
C VAL B 8 -6.19 0.70 1.19
N THR B 9 -7.47 0.84 1.52
CA THR B 9 -8.37 -0.29 1.48
C THR B 9 -9.77 0.23 1.17
N THR B 10 -10.77 -0.64 1.36
CA THR B 10 -12.19 -0.30 1.26
C THR B 10 -12.82 -0.57 2.60
N GLU B 11 -14.02 -0.01 2.81
N GLU B 11 -14.02 0.01 2.79
CA GLU B 11 -14.70 -0.13 4.10
CA GLU B 11 -14.75 -0.12 4.05
C GLU B 11 -15.07 -1.58 4.41
C GLU B 11 -15.05 -1.58 4.40
N LYS B 12 -15.41 -2.36 3.39
CA LYS B 12 -15.80 -3.76 3.61
C LYS B 12 -14.61 -4.63 4.03
N GLU B 13 -13.39 -4.27 3.62
CA GLU B 13 -12.19 -5.07 3.88
C GLU B 13 -11.56 -4.81 5.25
N LYS B 14 -11.94 -3.72 5.93
CA LYS B 14 -11.27 -3.27 7.15
C LYS B 14 -11.24 -4.36 8.21
N ARG B 15 -12.40 -4.97 8.46
CA ARG B 15 -12.54 -6.08 9.42
C ARG B 15 -11.55 -7.20 9.16
N ALA B 16 -11.46 -7.64 7.89
CA ALA B 16 -10.59 -8.75 7.55
C ALA B 16 -9.14 -8.39 7.78
N LEU B 17 -8.77 -7.15 7.38
CA LEU B 17 -7.39 -6.70 7.56
C LEU B 17 -7.04 -6.63 9.04
N THR B 18 -8.00 -6.16 9.85
CA THR B 18 -7.72 -6.01 11.27
C THR B 18 -7.57 -7.38 11.92
N GLN B 19 -8.35 -8.35 11.43
CA GLN B 19 -8.22 -9.74 11.88
C GLN B 19 -6.82 -10.25 11.60
N GLU B 20 -6.31 -10.00 10.38
CA GLU B 20 -4.95 -10.41 10.03
C GLU B 20 -3.93 -9.76 10.95
N PHE B 21 -4.16 -8.48 11.28
CA PHE B 21 -3.26 -7.77 12.20
C PHE B 21 -3.23 -8.44 13.56
N VAL B 22 -4.40 -8.81 14.11
CA VAL B 22 -4.33 -9.34 15.46
C VAL B 22 -3.79 -10.75 15.43
N GLU B 23 -3.89 -11.45 14.28
CA GLU B 23 -3.30 -12.78 14.21
C GLU B 23 -1.78 -12.73 14.13
N ASN B 24 -1.20 -11.57 13.76
CA ASN B 24 0.25 -11.49 13.64
C ASN B 24 0.89 -10.82 14.85
N MET B 25 0.17 -10.72 15.96
CA MET B 25 0.64 -9.91 17.07
C MET B 25 1.62 -10.74 17.90
N SER B 26 2.74 -10.13 18.29
CA SER B 26 3.67 -10.77 19.20
C SER B 26 3.09 -10.79 20.62
N PRO B 27 3.52 -11.71 21.49
CA PRO B 27 3.00 -11.69 22.87
C PRO B 27 3.37 -10.43 23.66
N ASN B 28 4.44 -9.73 23.27
CA ASN B 28 4.82 -8.47 23.91
C ASN B 28 4.07 -7.25 23.36
N ASP B 29 3.28 -7.42 22.30
CA ASP B 29 2.59 -6.30 21.69
C ASP B 29 1.50 -5.73 22.58
N LYS B 30 1.33 -4.41 22.49
N LYS B 30 1.35 -4.41 22.52
CA LYS B 30 0.40 -3.67 23.32
CA LYS B 30 0.41 -3.67 23.33
C LYS B 30 -0.17 -2.55 22.48
C LYS B 30 -0.17 -2.55 22.48
N VAL B 31 -1.48 -2.57 22.24
CA VAL B 31 -2.10 -1.81 21.16
C VAL B 31 -3.17 -0.87 21.69
N ILE B 32 -3.12 0.39 21.24
CA ILE B 32 -4.26 1.31 21.32
C ILE B 32 -4.88 1.41 19.94
N MET B 33 -6.16 1.06 19.84
CA MET B 33 -6.90 1.01 18.59
C MET B 33 -8.01 2.06 18.64
N PHE B 34 -8.09 2.86 17.57
CA PHE B 34 -9.02 3.96 17.49
C PHE B 34 -10.08 3.64 16.46
N VAL B 35 -11.37 3.68 16.87
CA VAL B 35 -12.46 3.44 15.94
C VAL B 35 -13.47 4.57 16.11
N SER B 36 -14.17 4.92 15.03
CA SER B 36 -14.99 6.13 15.10
C SER B 36 -16.42 5.88 15.60
N GLN B 37 -16.89 4.64 15.63
CA GLN B 37 -18.27 4.36 16.04
C GLN B 37 -18.27 3.37 17.19
N LYS B 38 -19.14 3.63 18.18
CA LYS B 38 -19.19 2.86 19.43
C LYS B 38 -19.53 1.38 19.19
N HIS B 39 -20.50 1.11 18.30
CA HIS B 39 -20.95 -0.27 18.12
C HIS B 39 -19.92 -1.10 17.34
N ILE B 40 -19.13 -0.47 16.48
CA ILE B 40 -18.03 -1.18 15.82
C ILE B 40 -16.93 -1.52 16.82
N ALA B 41 -16.64 -0.59 17.75
CA ALA B 41 -15.73 -0.84 18.87
C ALA B 41 -16.14 -2.03 19.70
N ASP B 42 -17.41 -2.05 20.12
CA ASP B 42 -17.93 -3.12 20.96
C ASP B 42 -17.88 -4.45 20.20
N ASP B 43 -18.16 -4.42 18.89
CA ASP B 43 -18.04 -5.60 18.04
C ASP B 43 -16.61 -6.13 17.99
N LEU B 44 -15.65 -5.26 17.68
CA LEU B 44 -14.25 -5.68 17.57
C LEU B 44 -13.72 -6.20 18.89
N SER B 45 -14.06 -5.54 20.00
CA SER B 45 -13.60 -5.99 21.31
C SER B 45 -14.17 -7.36 21.68
N SER B 46 -15.45 -7.60 21.36
CA SER B 46 -16.01 -8.93 21.62
C SER B 46 -15.35 -9.99 20.75
N ASP B 47 -15.13 -9.68 19.45
CA ASP B 47 -14.34 -10.56 18.57
C ASP B 47 -12.98 -10.91 19.14
N PHE B 48 -12.25 -9.91 19.63
CA PHE B 48 -10.90 -10.17 20.11
C PHE B 48 -10.91 -11.00 21.38
N ASN B 49 -11.80 -10.65 22.33
CA ASN B 49 -11.89 -11.36 23.61
C ASN B 49 -12.31 -12.80 23.42
N ILE B 50 -13.27 -13.05 22.53
CA ILE B 50 -13.70 -14.41 22.21
C ILE B 50 -12.53 -15.23 21.66
N GLN B 51 -11.75 -14.64 20.77
CA GLN B 51 -10.59 -15.28 20.17
C GLN B 51 -9.40 -15.38 21.13
N GLY B 52 -9.47 -14.72 22.28
CA GLY B 52 -8.46 -14.87 23.31
C GLY B 52 -7.45 -13.74 23.41
N ILE B 53 -7.63 -12.68 22.63
CA ILE B 53 -6.80 -11.50 22.72
C ILE B 53 -7.59 -10.51 23.57
N SER B 54 -7.13 -10.29 24.80
CA SER B 54 -7.90 -9.54 25.76
C SER B 54 -8.03 -8.07 25.37
N ALA B 55 -9.26 -7.56 25.39
CA ALA B 55 -9.50 -6.23 24.87
C ALA B 55 -10.63 -5.56 25.62
N GLU B 56 -10.66 -4.24 25.54
CA GLU B 56 -11.79 -3.48 26.07
C GLU B 56 -12.04 -2.27 25.19
N SER B 57 -13.29 -1.80 25.15
CA SER B 57 -13.65 -0.60 24.40
C SER B 57 -14.20 0.48 25.33
N LEU B 58 -13.84 1.73 25.04
CA LEU B 58 -14.27 2.88 25.80
C LEU B 58 -14.79 3.96 24.87
N HIS B 59 -15.83 4.67 25.32
CA HIS B 59 -16.49 5.70 24.51
C HIS B 59 -16.88 6.87 25.41
N GLY B 60 -17.59 7.84 24.83
CA GLY B 60 -17.89 9.08 25.51
C GLY B 60 -18.76 8.91 26.75
N ASN B 61 -19.66 7.93 26.73
CA ASN B 61 -20.53 7.64 27.85
C ASN B 61 -20.04 6.45 28.68
N SER B 62 -18.77 6.08 28.54
CA SER B 62 -18.21 5.07 29.43
C SER B 62 -18.10 5.66 30.83
N GLU B 63 -18.54 4.89 31.81
CA GLU B 63 -18.54 5.30 33.19
C GLU B 63 -17.11 5.46 33.69
N GLN B 64 -16.93 6.38 34.64
CA GLN B 64 -15.60 6.71 35.17
C GLN B 64 -14.91 5.49 35.74
N SER B 65 -15.68 4.65 36.44
CA SER B 65 -15.12 3.45 37.05
C SER B 65 -14.63 2.47 36.00
N ASP B 66 -15.41 2.27 34.93
CA ASP B 66 -15.02 1.39 33.83
C ASP B 66 -13.78 1.90 33.11
N GLN B 67 -13.69 3.22 32.90
CA GLN B 67 -12.48 3.81 32.33
C GLN B 67 -11.26 3.55 33.19
N GLU B 68 -11.41 3.69 34.51
CA GLU B 68 -10.29 3.45 35.43
C GLU B 68 -9.86 1.98 35.46
N ARG B 69 -10.83 1.05 35.52
CA ARG B 69 -10.47 -0.38 35.51
C ARG B 69 -9.78 -0.75 34.19
N ALA B 70 -10.24 -0.16 33.08
CA ALA B 70 -9.61 -0.45 31.79
C ALA B 70 -8.17 0.05 31.74
N VAL B 71 -7.92 1.25 32.29
CA VAL B 71 -6.56 1.78 32.34
C VAL B 71 -5.65 0.92 33.24
N GLU B 72 -6.18 0.46 34.38
CA GLU B 72 -5.38 -0.37 35.29
C GLU B 72 -5.10 -1.76 34.71
N ASP B 73 -6.11 -2.37 34.07
CA ASP B 73 -5.91 -3.64 33.37
C ASP B 73 -4.93 -3.50 32.21
N PHE B 74 -4.92 -2.34 31.53
CA PHE B 74 -3.95 -2.11 30.48
C PHE B 74 -2.54 -2.00 31.07
N LYS B 75 -2.37 -1.25 32.16
CA LYS B 75 -1.06 -1.10 32.79
C LYS B 75 -0.52 -2.42 33.34
N SER B 76 -1.41 -3.23 33.93
CA SER B 76 -0.99 -4.50 34.49
C SER B 76 -0.70 -5.55 33.42
N GLY B 77 -1.13 -5.32 32.18
CA GLY B 77 -0.96 -6.31 31.14
C GLY B 77 -2.10 -7.29 31.01
N ASN B 78 -3.22 -7.05 31.69
CA ASN B 78 -4.36 -7.96 31.62
C ASN B 78 -5.30 -7.68 30.45
N ILE B 79 -5.13 -6.57 29.74
CA ILE B 79 -5.73 -6.40 28.43
C ILE B 79 -4.64 -5.98 27.46
N LYS B 80 -4.78 -6.43 26.21
CA LYS B 80 -3.73 -6.29 25.24
C LYS B 80 -4.09 -5.31 24.13
N ILE B 81 -5.38 -5.12 23.89
CA ILE B 81 -5.89 -4.08 23.00
C ILE B 81 -6.91 -3.22 23.75
N LEU B 82 -6.62 -1.93 23.85
CA LEU B 82 -7.58 -0.90 24.24
C LEU B 82 -8.14 -0.18 23.02
N ILE B 83 -9.45 -0.24 22.84
CA ILE B 83 -10.17 0.36 21.73
C ILE B 83 -10.91 1.58 22.26
N THR B 84 -10.74 2.73 21.60
CA THR B 84 -11.35 3.97 22.08
C THR B 84 -12.07 4.69 20.96
N THR B 85 -13.16 5.36 21.34
CA THR B 85 -13.99 6.17 20.47
C THR B 85 -14.17 7.51 21.16
N ASP B 86 -13.67 8.58 20.53
CA ASP B 86 -13.89 10.01 20.82
C ASP B 86 -13.21 10.54 22.09
N ILE B 87 -12.73 9.67 22.98
CA ILE B 87 -12.17 10.11 24.24
C ILE B 87 -10.74 9.63 24.37
N VAL B 88 -10.05 10.20 25.34
CA VAL B 88 -8.69 9.82 25.70
C VAL B 88 -8.75 9.17 27.08
N SER B 89 -8.02 8.06 27.24
CA SER B 89 -7.85 7.50 28.56
C SER B 89 -6.97 8.41 29.39
N ARG B 90 -7.26 8.50 30.68
CA ARG B 90 -6.53 9.41 31.56
C ARG B 90 -5.41 8.65 32.26
N GLY B 91 -4.19 9.17 32.11
CA GLY B 91 -3.04 8.57 32.77
C GLY B 91 -2.58 7.25 32.20
N LEU B 92 -2.85 6.98 30.92
CA LEU B 92 -2.37 5.76 30.27
C LEU B 92 -0.85 5.68 30.24
N ASP B 93 -0.33 4.45 30.30
CA ASP B 93 1.12 4.20 30.22
C ASP B 93 1.55 4.09 28.75
N LEU B 94 1.74 5.26 28.14
CA LEU B 94 2.11 5.36 26.73
C LEU B 94 3.49 4.78 26.42
N ASN B 95 4.40 4.71 27.40
CA ASN B 95 5.75 4.24 27.12
C ASN B 95 5.77 2.73 26.82
N ASP B 96 4.77 2.01 27.30
CA ASP B 96 4.66 0.57 27.10
C ASP B 96 3.88 0.19 25.85
N VAL B 97 3.28 1.15 25.15
CA VAL B 97 2.45 0.85 23.99
C VAL B 97 3.35 0.59 22.80
N THR B 98 3.12 -0.52 22.09
CA THR B 98 3.93 -0.81 20.92
C THR B 98 3.27 -0.37 19.62
N HIS B 99 1.94 -0.32 19.56
CA HIS B 99 1.21 -0.01 18.35
C HIS B 99 0.05 0.94 18.61
N VAL B 100 -0.09 1.89 17.69
CA VAL B 100 -1.31 2.64 17.48
C VAL B 100 -1.95 2.11 16.22
N TYR B 101 -3.25 1.78 16.28
CA TYR B 101 -3.96 1.20 15.14
C TYR B 101 -5.20 2.05 14.89
N ASN B 102 -5.18 2.83 13.81
CA ASN B 102 -6.32 3.63 13.38
C ASN B 102 -7.16 2.77 12.44
N TYR B 103 -8.19 2.14 13.01
CA TYR B 103 -9.13 1.37 12.21
C TYR B 103 -9.94 2.30 11.31
N ASP B 104 -10.31 3.46 11.84
CA ASP B 104 -10.92 4.53 11.06
C ASP B 104 -9.95 5.69 11.03
N PHE B 105 -9.81 6.32 9.87
CA PHE B 105 -8.97 7.50 9.77
C PHE B 105 -9.55 8.63 10.64
N PRO B 106 -8.71 9.34 11.39
CA PRO B 106 -9.23 10.39 12.29
C PRO B 106 -9.84 11.56 11.52
N ARG B 107 -10.52 12.44 12.26
CA ARG B 107 -11.34 13.45 11.60
C ARG B 107 -10.51 14.54 10.92
N ASN B 108 -9.25 14.73 11.31
CA ASN B 108 -8.37 15.68 10.63
C ASN B 108 -6.93 15.23 10.84
N ILE B 109 -6.01 15.90 10.12
CA ILE B 109 -4.60 15.47 10.12
C ILE B 109 -3.93 15.70 11.47
N ASP B 110 -4.40 16.70 12.25
CA ASP B 110 -3.75 17.01 13.51
C ASP B 110 -3.94 15.89 14.51
N VAL B 111 -5.12 15.26 14.51
CA VAL B 111 -5.35 14.11 15.37
C VAL B 111 -4.45 12.94 14.98
N TYR B 112 -4.21 12.78 13.67
CA TYR B 112 -3.30 11.72 13.19
C TYR B 112 -1.88 11.95 13.74
N VAL B 113 -1.40 13.19 13.63
CA VAL B 113 -0.06 13.55 14.10
C VAL B 113 0.06 13.35 15.60
N HIS B 114 -0.99 13.75 16.33
CA HIS B 114 -1.04 13.58 17.78
C HIS B 114 -0.98 12.10 18.16
N ARG B 115 -1.71 11.25 17.44
CA ARG B 115 -1.72 9.81 17.74
C ARG B 115 -0.37 9.16 17.44
N VAL B 116 0.29 9.55 16.33
CA VAL B 116 1.68 9.13 16.10
C VAL B 116 2.56 9.56 17.26
N GLY B 117 2.33 10.78 17.76
CA GLY B 117 3.09 11.33 18.88
C GLY B 117 2.84 10.67 20.24
N TYR B 118 1.70 9.99 20.42
CA TYR B 118 1.50 9.09 21.57
C TYR B 118 2.65 8.16 21.90
N ILE B 119 3.13 7.44 20.92
CA ILE B 119 4.18 6.48 21.15
C ILE B 119 5.51 7.14 20.84
N GLY B 120 6.57 6.57 21.39
CA GLY B 120 7.89 7.09 21.15
C GLY B 120 8.23 8.37 21.90
N ARG B 121 7.40 8.78 22.87
CA ARG B 121 7.73 9.96 23.66
C ARG B 121 8.92 9.70 24.56
N THR B 122 9.08 8.46 25.04
CA THR B 122 10.20 8.03 25.85
C THR B 122 11.41 7.65 24.99
N GLY B 123 11.25 7.64 23.67
CA GLY B 123 12.33 7.24 22.79
C GLY B 123 12.36 5.76 22.48
N LYS B 124 11.26 5.05 22.74
CA LYS B 124 11.13 3.65 22.39
C LYS B 124 10.55 3.53 20.99
N THR B 125 10.89 2.43 20.33
CA THR B 125 10.35 2.20 19.00
C THR B 125 8.89 1.82 19.08
N GLY B 126 8.17 2.07 18.00
CA GLY B 126 6.74 1.79 17.96
C GLY B 126 6.25 1.90 16.54
N THR B 127 5.01 1.49 16.35
CA THR B 127 4.41 1.40 15.03
C THR B 127 3.02 2.02 15.02
N SER B 128 2.75 2.87 14.04
CA SER B 128 1.42 3.37 13.76
C SER B 128 0.93 2.66 12.49
N VAL B 129 -0.27 2.08 12.56
CA VAL B 129 -0.90 1.42 11.42
C VAL B 129 -2.24 2.10 11.18
N THR B 130 -2.49 2.54 9.95
CA THR B 130 -3.69 3.31 9.66
C THR B 130 -4.38 2.75 8.43
N LEU B 131 -5.69 2.51 8.55
CA LEU B 131 -6.53 2.14 7.43
C LEU B 131 -7.17 3.40 6.84
N ILE B 132 -7.06 3.57 5.52
CA ILE B 132 -7.64 4.72 4.83
C ILE B 132 -8.39 4.24 3.60
N THR B 133 -9.57 4.83 3.37
CA THR B 133 -10.44 4.49 2.25
C THR B 133 -10.75 5.75 1.43
N GLN B 134 -11.55 5.57 0.36
CA GLN B 134 -11.89 6.66 -0.54
C GLN B 134 -12.71 7.74 0.16
N ARG B 135 -13.48 7.36 1.20
CA ARG B 135 -14.20 8.33 2.02
C ARG B 135 -13.25 9.36 2.65
N ASP B 136 -12.02 8.97 2.94
CA ASP B 136 -11.03 9.85 3.53
C ASP B 136 -10.12 10.53 2.50
N SER B 137 -10.47 10.49 1.20
CA SER B 137 -9.52 10.88 0.16
C SER B 137 -9.13 12.36 0.20
N LYS B 138 -9.96 13.22 0.81
CA LYS B 138 -9.61 14.63 0.94
C LYS B 138 -8.43 14.82 1.89
N MET B 139 -8.23 13.89 2.83
CA MET B 139 -7.06 13.80 3.70
C MET B 139 -5.77 13.34 3.05
N ALA B 140 -5.82 12.67 1.88
CA ALA B 140 -4.66 11.90 1.42
C ALA B 140 -3.44 12.79 1.15
N GLY B 141 -3.66 13.95 0.51
CA GLY B 141 -2.56 14.87 0.25
C GLY B 141 -1.88 15.35 1.53
N GLU B 142 -2.70 15.68 2.55
CA GLU B 142 -2.13 16.12 3.82
C GLU B 142 -1.33 15.01 4.48
N LEU B 143 -1.85 13.77 4.38
CA LEU B 143 -1.17 12.63 4.98
C LEU B 143 0.18 12.38 4.30
N ILE B 144 0.23 12.59 2.97
CA ILE B 144 1.47 12.40 2.25
C ILE B 144 2.55 13.34 2.75
N LYS B 145 2.15 14.60 3.04
CA LYS B 145 3.12 15.59 3.50
C LYS B 145 3.70 15.18 4.86
N ILE B 146 2.83 14.65 5.73
CA ILE B 146 3.25 14.19 7.06
C ILE B 146 4.26 13.06 6.91
N LEU B 147 3.94 12.10 6.02
CA LEU B 147 4.81 10.95 5.83
C LEU B 147 6.16 11.39 5.30
N ASP B 148 6.16 12.34 4.35
CA ASP B 148 7.44 12.75 3.77
C ASP B 148 8.27 13.51 4.78
N ARG B 149 7.61 14.28 5.67
CA ARG B 149 8.32 15.04 6.70
C ARG B 149 8.94 14.10 7.74
N ALA B 150 8.24 13.03 8.09
CA ALA B 150 8.75 12.02 9.01
C ALA B 150 9.69 11.02 8.35
N ASN B 151 10.02 11.20 7.05
CA ASN B 151 10.88 10.29 6.27
C ASN B 151 10.33 8.87 6.27
N GLN B 152 9.02 8.75 6.13
CA GLN B 152 8.35 7.45 6.10
C GLN B 152 8.00 7.11 4.66
N SER B 153 7.84 5.82 4.40
CA SER B 153 7.47 5.36 3.07
C SER B 153 6.07 5.84 2.71
N VAL B 154 5.85 6.09 1.43
CA VAL B 154 4.54 6.57 0.96
C VAL B 154 3.98 5.54 0.00
N PRO B 155 2.88 4.86 0.36
CA PRO B 155 2.31 3.84 -0.54
C PRO B 155 1.79 4.47 -1.83
N GLU B 156 2.09 3.77 -2.93
CA GLU B 156 1.66 4.21 -4.26
C GLU B 156 0.15 4.46 -4.33
N ASP B 157 -0.64 3.60 -3.67
CA ASP B 157 -2.08 3.73 -3.65
C ASP B 157 -2.52 5.01 -2.97
N LEU B 158 -1.77 5.48 -1.97
CA LEU B 158 -2.10 6.75 -1.33
C LEU B 158 -1.84 7.94 -2.25
N VAL B 159 -0.73 7.87 -3.02
CA VAL B 159 -0.41 8.90 -4.01
C VAL B 159 -1.52 8.98 -5.05
N VAL B 160 -1.99 7.82 -5.52
CA VAL B 160 -3.02 7.77 -6.55
C VAL B 160 -4.36 8.27 -5.99
N MET B 161 -4.64 7.98 -4.72
CA MET B 161 -5.88 8.47 -4.09
C MET B 161 -5.87 10.01 -4.01
N ALA B 162 -4.72 10.60 -3.65
CA ALA B 162 -4.62 12.07 -3.61
C ALA B 162 -4.74 12.68 -5.01
N GLU B 163 -4.12 12.03 -6.01
CA GLU B 163 -4.23 12.51 -7.39
C GLU B 163 -5.68 12.48 -7.87
N GLN B 164 -6.38 11.37 -7.64
CA GLN B 164 -7.75 11.22 -8.11
C GLN B 164 -8.69 12.20 -7.43
N TYR B 165 -8.50 12.43 -6.11
CA TYR B 165 -9.24 13.46 -5.40
C TYR B 165 -9.09 14.81 -6.06
N LYS B 166 -7.83 15.21 -6.32
CA LYS B 166 -7.59 16.53 -6.88
C LYS B 166 -8.15 16.68 -8.30
N LEU B 167 -7.98 15.65 -9.16
CA LEU B 167 -8.55 15.71 -10.52
C LEU B 167 -10.08 15.78 -10.52
N ASN B 168 -10.74 15.05 -9.61
CA ASN B 168 -12.19 15.14 -9.51
C ASN B 168 -12.64 16.52 -9.01
N GLN B 169 -11.85 17.16 -8.14
CA GLN B 169 -12.19 18.53 -7.76
C GLN B 169 -11.98 19.51 -8.90
N GLN B 170 -10.91 19.34 -9.69
CA GLN B 170 -10.63 20.24 -10.81
C GLN B 170 -11.70 20.19 -11.88
N LYS B 171 -12.24 19.00 -12.17
CA LYS B 171 -13.22 18.94 -13.24
C LYS B 171 -14.59 19.51 -12.83
N ARG B 172 -14.83 19.74 -11.55
CA ARG B 172 -16.02 20.48 -11.09
C ARG B 172 -15.77 21.98 -10.95
N HIS B 173 -14.51 22.42 -11.07
CA HIS B 173 -14.02 23.80 -10.82
C HIS B 173 -14.69 24.57 -9.67
#